data_3FUG
#
_entry.id   3FUG
#
_cell.length_a   65.763
_cell.length_b   65.763
_cell.length_c   110.857
_cell.angle_alpha   90.000
_cell.angle_beta   90.000
_cell.angle_gamma   90.000
#
_symmetry.space_group_name_H-M   'P 43 21 2'
#
loop_
_entity.id
_entity.type
_entity.pdbx_description
1 polymer 'Retinoic acid receptor RXR-alpha'
2 polymer 'Nuclear receptor coactivator 2'
3 non-polymer '(2E)-3-[4-hydroxy-3-(3,5,5,8,8-pentamethyl-5,6,7,8-tetrahydronaphthalen-2-yl)phenyl]prop-2-enoic acid'
4 water water
#
loop_
_entity_poly.entity_id
_entity_poly.type
_entity_poly.pdbx_seq_one_letter_code
_entity_poly.pdbx_strand_id
1 'polypeptide(L)'
;TSSANEDMPVERILEAELAVEPKTETYVEANMGLNPSSPNDPVTNICQAADKQLFTLVEWAKRIPHFSELPLDDQVILLR
AGWNELLIASFSHRSIAVKDGILLATGLHVHRNSAHSAGVGAIFDRVLTELVSKMRDMQMDKTELGCLRAIVLFNPDSKG
LSNPAEVEALREKVYASLEAYCKHKYPEQPGRFAKLLLRLPALRSIGLKCLEHLFFFKLIGDTPIDTFLMEMLEAPHQMT
;
A
2 'polypeptide(L)' KHKILHRLLQASS B
#
# COMPACT_ATOMS: atom_id res chain seq x y z
N ASP A 7 12.63 19.15 -0.44
CA ASP A 7 12.03 18.99 -1.80
C ASP A 7 11.46 17.57 -1.95
N MET A 8 10.36 17.46 -2.69
CA MET A 8 9.69 16.18 -2.90
C MET A 8 9.13 16.06 -4.32
N PRO A 9 10.02 15.80 -5.30
CA PRO A 9 9.63 15.76 -6.72
C PRO A 9 8.77 14.55 -7.07
N VAL A 10 7.65 14.79 -7.75
CA VAL A 10 6.75 13.72 -8.16
C VAL A 10 7.39 12.78 -9.19
N GLU A 11 8.34 13.31 -9.98
CA GLU A 11 9.12 12.48 -10.90
C GLU A 11 9.80 11.32 -10.17
N ARG A 12 10.45 11.62 -9.04
CA ARG A 12 11.14 10.62 -8.23
C ARG A 12 10.17 9.62 -7.61
N ILE A 13 8.96 10.08 -7.30
CA ILE A 13 7.95 9.22 -6.71
C ILE A 13 7.42 8.23 -7.76
N LEU A 14 7.14 8.75 -8.96
CA LEU A 14 6.72 7.91 -10.08
C LEU A 14 7.80 6.91 -10.50
N GLU A 15 9.07 7.34 -10.44
CA GLU A 15 10.21 6.46 -10.72
C GLU A 15 10.22 5.26 -9.78
N ALA A 16 9.97 5.51 -8.49
CA ALA A 16 9.87 4.44 -7.51
C ALA A 16 8.77 3.45 -7.87
N GLU A 17 7.60 3.97 -8.24
CA GLU A 17 6.49 3.13 -8.72
C GLU A 17 6.86 2.23 -9.90
N LEU A 18 7.46 2.83 -10.93
CA LEU A 18 7.79 2.10 -12.16
C LEU A 18 8.94 1.14 -11.96
N ALA A 19 9.79 1.43 -10.99
CA ALA A 19 10.92 0.56 -10.61
C ALA A 19 10.49 -0.78 -10.03
N VAL A 20 9.32 -0.82 -9.38
CA VAL A 20 8.86 -2.03 -8.69
C VAL A 20 7.71 -2.79 -9.39
N GLU A 21 7.45 -2.45 -10.65
CA GLU A 21 6.39 -3.13 -11.41
C GLU A 21 6.75 -4.57 -11.80
N ASP A 41 -6.35 -23.30 -2.49
CA ASP A 41 -7.38 -22.26 -2.37
C ASP A 41 -6.79 -20.86 -2.65
N PRO A 42 -7.59 -19.95 -3.25
CA PRO A 42 -7.13 -18.59 -3.60
C PRO A 42 -6.48 -17.78 -2.48
N VAL A 43 -6.93 -17.98 -1.25
CA VAL A 43 -6.35 -17.32 -0.07
C VAL A 43 -4.86 -17.64 0.08
N THR A 44 -4.47 -18.90 -0.11
CA THR A 44 -3.05 -19.27 -0.09
C THR A 44 -2.26 -18.51 -1.16
N ASN A 45 -2.78 -18.47 -2.39
CA ASN A 45 -2.17 -17.69 -3.48
C ASN A 45 -2.05 -16.20 -3.14
N ILE A 46 -3.09 -15.64 -2.51
CA ILE A 46 -3.09 -14.22 -2.15
C ILE A 46 -2.03 -13.92 -1.08
N CYS A 47 -1.89 -14.82 -0.11
CA CYS A 47 -0.89 -14.68 0.95
C CYS A 47 0.53 -14.81 0.41
N GLN A 48 0.73 -15.68 -0.57
CA GLN A 48 2.05 -15.82 -1.19
C GLN A 48 2.43 -14.53 -1.90
N ALA A 49 1.46 -13.94 -2.61
CA ALA A 49 1.65 -12.65 -3.30
C ALA A 49 2.03 -11.51 -2.35
N ALA A 50 1.33 -11.41 -1.22
CA ALA A 50 1.65 -10.39 -0.20
C ALA A 50 3.09 -10.52 0.33
N ASP A 51 3.49 -11.74 0.69
CA ASP A 51 4.87 -12.01 1.14
C ASP A 51 5.91 -11.55 0.11
N LYS A 52 5.71 -11.98 -1.14
CA LYS A 52 6.54 -11.59 -2.29
C LYS A 52 6.67 -10.07 -2.38
N GLN A 53 5.53 -9.38 -2.28
CA GLN A 53 5.53 -7.93 -2.44
C GLN A 53 6.13 -7.17 -1.27
N LEU A 54 6.20 -7.80 -0.10
CA LEU A 54 6.84 -7.19 1.06
C LEU A 54 8.33 -6.92 0.82
N PHE A 55 8.99 -7.80 0.07
CA PHE A 55 10.42 -7.61 -0.25
C PHE A 55 10.60 -6.43 -1.19
N THR A 56 9.72 -6.38 -2.18
CA THR A 56 9.67 -5.33 -3.18
C THR A 56 9.29 -3.96 -2.57
N LEU A 57 8.41 -3.99 -1.57
CA LEU A 57 8.00 -2.77 -0.84
C LEU A 57 9.18 -2.03 -0.21
N VAL A 58 10.08 -2.81 0.39
CA VAL A 58 11.28 -2.23 0.99
C VAL A 58 12.09 -1.48 -0.06
N GLU A 59 12.25 -2.07 -1.25
CA GLU A 59 12.96 -1.40 -2.35
C GLU A 59 12.26 -0.14 -2.84
N TRP A 60 10.93 -0.19 -2.89
CA TRP A 60 10.11 0.97 -3.24
C TRP A 60 10.36 2.14 -2.30
N ALA A 61 10.28 1.88 -0.99
CA ALA A 61 10.40 2.92 0.03
C ALA A 61 11.78 3.57 0.00
N LYS A 62 12.81 2.76 -0.26
CA LYS A 62 14.20 3.24 -0.42
C LYS A 62 14.35 4.25 -1.56
N ARG A 63 13.45 4.19 -2.53
CA ARG A 63 13.44 5.12 -3.66
C ARG A 63 12.55 6.36 -3.45
N ILE A 64 11.80 6.39 -2.36
CA ILE A 64 11.01 7.57 -2.00
C ILE A 64 11.93 8.61 -1.35
N PRO A 65 11.98 9.85 -1.89
CA PRO A 65 12.94 10.85 -1.37
C PRO A 65 12.90 11.03 0.14
N HIS A 66 14.08 10.97 0.76
CA HIS A 66 14.30 11.24 2.20
C HIS A 66 13.95 10.09 3.16
N PHE A 67 13.31 9.03 2.67
CA PHE A 67 12.96 7.91 3.55
C PHE A 67 14.20 7.24 4.16
N SER A 68 15.19 6.97 3.31
CA SER A 68 16.44 6.34 3.72
C SER A 68 17.29 7.15 4.71
N GLU A 69 16.97 8.44 4.84
CA GLU A 69 17.70 9.36 5.73
C GLU A 69 17.09 9.43 7.13
N LEU A 70 15.89 8.87 7.28
CA LEU A 70 15.29 8.70 8.60
C LEU A 70 16.11 7.68 9.40
N PRO A 71 16.10 7.77 10.75
CA PRO A 71 16.71 6.70 11.55
C PRO A 71 16.17 5.34 11.16
N LEU A 72 17.04 4.33 11.07
CA LEU A 72 16.63 2.97 10.72
C LEU A 72 15.42 2.48 11.54
N ASP A 73 15.40 2.79 12.84
CA ASP A 73 14.26 2.37 13.69
C ASP A 73 12.93 2.99 13.24
N ASP A 74 12.98 4.22 12.73
CA ASP A 74 11.78 4.89 12.23
C ASP A 74 11.33 4.35 10.87
N GLN A 75 12.30 3.99 10.03
CA GLN A 75 12.02 3.32 8.76
C GLN A 75 11.28 2.00 9.00
N VAL A 76 11.72 1.28 10.01
CA VAL A 76 11.11 0.02 10.46
C VAL A 76 9.69 0.29 10.93
N ILE A 77 9.51 1.26 11.82
CA ILE A 77 8.19 1.65 12.32
C ILE A 77 7.23 2.04 11.16
N LEU A 78 7.70 2.88 10.25
CA LEU A 78 6.86 3.34 9.13
C LEU A 78 6.38 2.20 8.23
N LEU A 79 7.28 1.27 7.90
CA LEU A 79 6.96 0.10 7.08
C LEU A 79 6.10 -0.93 7.79
N ARG A 80 6.32 -1.12 9.09
CA ARG A 80 5.49 -2.03 9.86
C ARG A 80 4.07 -1.46 10.05
N ALA A 81 3.97 -0.15 10.18
CA ALA A 81 2.69 0.54 10.28
C ALA A 81 1.90 0.51 8.95
N GLY A 82 2.60 0.67 7.83
CA GLY A 82 1.96 0.99 6.55
C GLY A 82 1.91 -0.09 5.48
N TRP A 83 2.67 -1.18 5.67
CA TRP A 83 2.84 -2.18 4.60
C TRP A 83 1.53 -2.66 3.98
N ASN A 84 0.51 -2.88 4.79
CA ASN A 84 -0.72 -3.47 4.27
C ASN A 84 -1.47 -2.50 3.38
N GLU A 85 -1.74 -1.30 3.89
CA GLU A 85 -2.30 -0.25 3.06
C GLU A 85 -1.47 0.01 1.80
N LEU A 86 -0.15 0.07 1.97
CA LEU A 86 0.76 0.30 0.83
C LEU A 86 0.58 -0.75 -0.27
N LEU A 87 0.50 -2.01 0.14
CA LEU A 87 0.42 -3.12 -0.82
C LEU A 87 -0.98 -3.27 -1.40
N ILE A 88 -2.01 -3.04 -0.58
CA ILE A 88 -3.40 -3.00 -1.05
C ILE A 88 -3.63 -1.88 -2.10
N ALA A 89 -3.09 -0.69 -1.85
CA ALA A 89 -3.18 0.40 -2.83
C ALA A 89 -2.59 -0.04 -4.16
N SER A 90 -1.44 -0.71 -4.11
CA SER A 90 -0.75 -1.17 -5.31
C SER A 90 -1.49 -2.22 -6.11
N PHE A 91 -1.94 -3.31 -5.47
CA PHE A 91 -2.68 -4.32 -6.25
C PHE A 91 -4.04 -3.81 -6.72
N SER A 92 -4.64 -2.89 -5.97
CA SER A 92 -5.93 -2.29 -6.37
C SER A 92 -5.78 -1.46 -7.64
N HIS A 93 -4.74 -0.64 -7.70
CA HIS A 93 -4.50 0.16 -8.89
C HIS A 93 -4.10 -0.72 -10.08
N ARG A 94 -3.32 -1.77 -9.81
CA ARG A 94 -2.97 -2.74 -10.84
C ARG A 94 -4.21 -3.37 -11.48
N SER A 95 -5.27 -3.52 -10.69
CA SER A 95 -6.47 -4.26 -11.10
C SER A 95 -7.52 -3.45 -11.87
N ILE A 96 -7.25 -2.17 -12.14
CA ILE A 96 -8.22 -1.32 -12.84
C ILE A 96 -8.57 -1.80 -14.25
N ALA A 97 -7.63 -2.50 -14.89
CA ALA A 97 -7.83 -3.03 -16.24
C ALA A 97 -8.75 -4.25 -16.26
N VAL A 98 -9.10 -4.73 -15.07
CA VAL A 98 -9.85 -5.98 -14.92
C VAL A 98 -11.20 -5.76 -14.24
N LYS A 99 -12.21 -6.48 -14.71
CA LYS A 99 -13.54 -6.43 -14.11
C LYS A 99 -13.72 -7.60 -13.14
N ASP A 100 -14.31 -7.31 -11.99
CA ASP A 100 -14.64 -8.30 -10.96
C ASP A 100 -13.48 -9.21 -10.56
N GLY A 101 -12.27 -8.64 -10.47
CA GLY A 101 -11.11 -9.41 -10.10
C GLY A 101 -9.95 -8.55 -9.63
N ILE A 102 -8.97 -9.21 -9.00
CA ILE A 102 -7.70 -8.57 -8.70
C ILE A 102 -6.55 -9.29 -9.40
N LEU A 103 -5.51 -8.52 -9.70
CA LEU A 103 -4.33 -9.00 -10.38
C LEU A 103 -3.21 -9.05 -9.35
N LEU A 104 -2.77 -10.26 -9.00
CA LEU A 104 -1.68 -10.39 -8.04
C LEU A 104 -0.33 -10.19 -8.73
N ALA A 105 0.68 -9.85 -7.93
CA ALA A 105 2.03 -9.61 -8.45
C ALA A 105 2.67 -10.88 -9.02
N THR A 106 2.14 -12.02 -8.61
CA THR A 106 2.63 -13.33 -9.02
C THR A 106 2.13 -13.74 -10.42
N GLY A 107 1.38 -12.86 -11.07
CA GLY A 107 0.77 -13.16 -12.37
C GLY A 107 -0.55 -13.89 -12.31
N LEU A 108 -1.09 -14.04 -11.10
CA LEU A 108 -2.38 -14.73 -10.93
C LEU A 108 -3.54 -13.73 -10.78
N HIS A 109 -4.69 -14.11 -11.33
CA HIS A 109 -5.91 -13.32 -11.21
C HIS A 109 -6.85 -14.03 -10.22
N VAL A 110 -7.43 -13.26 -9.30
CA VAL A 110 -8.44 -13.82 -8.43
C VAL A 110 -9.76 -13.18 -8.79
N HIS A 111 -10.70 -14.02 -9.22
CA HIS A 111 -12.01 -13.53 -9.60
C HIS A 111 -12.84 -13.37 -8.33
N ARG A 112 -13.72 -12.39 -8.36
CA ARG A 112 -14.72 -12.18 -7.32
C ARG A 112 -15.40 -13.49 -6.90
N ASN A 113 -15.82 -14.30 -7.87
CA ASN A 113 -16.49 -15.58 -7.59
C ASN A 113 -15.59 -16.53 -6.80
N SER A 114 -14.30 -16.52 -7.14
CA SER A 114 -13.31 -17.35 -6.47
C SER A 114 -13.12 -16.92 -5.01
N ALA A 115 -13.05 -15.60 -4.78
CA ALA A 115 -12.96 -15.07 -3.42
C ALA A 115 -14.19 -15.43 -2.59
N HIS A 116 -15.36 -15.27 -3.18
CA HIS A 116 -16.61 -15.62 -2.51
C HIS A 116 -16.64 -17.11 -2.14
N SER A 117 -16.24 -17.97 -3.08
CA SER A 117 -16.24 -19.41 -2.87
C SER A 117 -15.21 -19.88 -1.82
N ALA A 118 -14.28 -18.97 -1.45
CA ALA A 118 -13.29 -19.26 -0.42
C ALA A 118 -13.63 -18.65 0.95
N GLY A 119 -14.81 -18.05 1.06
CA GLY A 119 -15.26 -17.49 2.33
C GLY A 119 -14.78 -16.07 2.64
N VAL A 120 -14.22 -15.39 1.64
CA VAL A 120 -13.71 -14.04 1.85
C VAL A 120 -14.36 -13.00 0.92
N GLY A 121 -15.62 -13.25 0.55
CA GLY A 121 -16.33 -12.43 -0.45
C GLY A 121 -16.59 -10.98 -0.07
N ALA A 122 -17.06 -10.76 1.15
CA ALA A 122 -17.40 -9.41 1.61
C ALA A 122 -16.20 -8.46 1.52
N ILE A 123 -15.07 -8.83 2.13
CA ILE A 123 -13.88 -7.95 2.09
C ILE A 123 -13.34 -7.78 0.65
N PHE A 124 -13.40 -8.82 -0.18
CA PHE A 124 -13.02 -8.73 -1.60
C PHE A 124 -13.88 -7.68 -2.33
N ASP A 125 -15.19 -7.72 -2.13
CA ASP A 125 -16.10 -6.75 -2.74
C ASP A 125 -15.82 -5.30 -2.29
N ARG A 126 -15.42 -5.11 -1.04
CA ARG A 126 -15.02 -3.78 -0.54
C ARG A 126 -13.84 -3.25 -1.34
N VAL A 127 -12.84 -4.09 -1.55
CA VAL A 127 -11.70 -3.73 -2.40
C VAL A 127 -12.17 -3.34 -3.82
N LEU A 128 -13.00 -4.16 -4.45
CA LEU A 128 -13.50 -3.84 -5.80
C LEU A 128 -14.28 -2.53 -5.86
N THR A 129 -15.18 -2.34 -4.90
CA THR A 129 -16.11 -1.20 -4.94
C THR A 129 -15.47 0.09 -4.42
N GLU A 130 -14.79 0.02 -3.29
CA GLU A 130 -14.21 1.22 -2.67
C GLU A 130 -12.85 1.66 -3.23
N LEU A 131 -12.07 0.70 -3.74
CA LEU A 131 -10.76 1.02 -4.27
C LEU A 131 -10.66 0.91 -5.77
N VAL A 132 -10.73 -0.31 -6.31
CA VAL A 132 -10.48 -0.54 -7.74
C VAL A 132 -11.41 0.29 -8.64
N SER A 133 -12.72 0.18 -8.38
CA SER A 133 -13.74 0.87 -9.19
C SER A 133 -13.59 2.39 -9.16
N LYS A 134 -13.26 2.92 -7.99
CA LYS A 134 -13.05 4.35 -7.78
C LYS A 134 -11.79 4.84 -8.47
N MET A 135 -10.72 4.07 -8.34
CA MET A 135 -9.48 4.32 -9.07
C MET A 135 -9.73 4.31 -10.58
N ARG A 136 -10.48 3.31 -11.04
CA ARG A 136 -10.88 3.22 -12.45
C ARG A 136 -11.71 4.43 -12.88
N ASP A 137 -12.74 4.77 -12.12
CA ASP A 137 -13.68 5.82 -12.52
C ASP A 137 -13.05 7.20 -12.68
N MET A 138 -12.04 7.50 -11.87
CA MET A 138 -11.38 8.80 -11.90
C MET A 138 -10.08 8.76 -12.70
N GLN A 139 -9.76 7.58 -13.25
CA GLN A 139 -8.51 7.36 -13.99
C GLN A 139 -7.28 7.77 -13.18
N MET A 140 -7.24 7.39 -11.91
CA MET A 140 -6.08 7.69 -11.06
C MET A 140 -4.81 7.25 -11.78
N ASP A 141 -3.81 8.13 -11.87
CA ASP A 141 -2.58 7.79 -12.57
C ASP A 141 -1.49 7.30 -11.60
N LYS A 142 -0.38 6.83 -12.17
CA LYS A 142 0.70 6.21 -11.38
C LYS A 142 1.46 7.18 -10.49
N THR A 143 1.57 8.43 -10.92
CA THR A 143 2.13 9.51 -10.10
C THR A 143 1.23 9.76 -8.89
N GLU A 144 -0.08 9.85 -9.14
CA GLU A 144 -1.07 10.01 -8.08
C GLU A 144 -1.06 8.85 -7.09
N LEU A 145 -1.08 7.61 -7.59
CA LEU A 145 -0.95 6.43 -6.73
C LEU A 145 0.32 6.51 -5.89
N GLY A 146 1.44 6.79 -6.56
CA GLY A 146 2.75 6.89 -5.94
C GLY A 146 2.77 7.87 -4.77
N CYS A 147 2.17 9.05 -4.98
CA CYS A 147 2.07 10.09 -3.95
C CYS A 147 1.15 9.70 -2.79
N LEU A 148 0.00 9.10 -3.10
CA LEU A 148 -0.88 8.60 -2.04
C LEU A 148 -0.15 7.58 -1.18
N ARG A 149 0.57 6.65 -1.83
CA ARG A 149 1.36 5.65 -1.10
C ARG A 149 2.46 6.28 -0.24
N ALA A 150 3.12 7.31 -0.79
CA ALA A 150 4.17 8.02 -0.04
C ALA A 150 3.59 8.77 1.17
N ILE A 151 2.37 9.28 1.03
CA ILE A 151 1.63 9.84 2.17
C ILE A 151 1.35 8.78 3.24
N VAL A 152 0.93 7.60 2.80
CA VAL A 152 0.67 6.48 3.71
C VAL A 152 1.97 6.11 4.43
N LEU A 153 3.06 6.01 3.67
CA LEU A 153 4.38 5.69 4.22
C LEU A 153 4.80 6.66 5.34
N PHE A 154 4.76 7.96 5.05
CA PHE A 154 5.10 8.99 6.03
C PHE A 154 3.92 9.25 6.97
N ASN A 155 3.60 8.25 7.79
CA ASN A 155 2.48 8.32 8.72
C ASN A 155 2.96 8.79 10.09
N PRO A 156 2.74 10.07 10.41
CA PRO A 156 3.32 10.64 11.63
C PRO A 156 2.59 10.20 12.91
N ASP A 157 1.50 9.44 12.74
CA ASP A 157 0.78 8.87 13.89
C ASP A 157 1.34 7.52 14.32
N SER A 158 2.24 6.94 13.52
CA SER A 158 2.91 5.68 13.84
C SER A 158 3.56 5.77 15.22
N LYS A 159 3.24 4.82 16.09
CA LYS A 159 3.70 4.87 17.48
C LYS A 159 5.17 4.53 17.59
N GLY A 160 5.89 5.29 18.42
CA GLY A 160 7.28 5.00 18.70
C GLY A 160 8.29 5.80 17.89
N LEU A 161 7.80 6.59 16.92
CA LEU A 161 8.68 7.43 16.11
C LEU A 161 9.54 8.34 16.98
N SER A 162 10.83 8.41 16.66
CA SER A 162 11.76 9.25 17.40
C SER A 162 11.51 10.74 17.12
N ASN A 163 11.19 11.06 15.87
CA ASN A 163 10.84 12.43 15.50
C ASN A 163 9.61 12.42 14.58
N PRO A 164 8.42 12.46 15.19
CA PRO A 164 7.16 12.49 14.43
C PRO A 164 7.02 13.74 13.57
N ALA A 165 7.65 14.84 14.00
CA ALA A 165 7.59 16.12 13.30
C ALA A 165 8.27 16.05 11.94
N GLU A 166 9.41 15.37 11.87
CA GLU A 166 10.13 15.16 10.62
C GLU A 166 9.29 14.35 9.61
N VAL A 167 8.56 13.36 10.12
CA VAL A 167 7.71 12.51 9.28
C VAL A 167 6.50 13.30 8.80
N GLU A 168 5.90 14.05 9.70
CA GLU A 168 4.83 14.98 9.37
C GLU A 168 5.27 15.97 8.27
N ALA A 169 6.49 16.51 8.41
CA ALA A 169 7.04 17.43 7.40
C ALA A 169 7.19 16.75 6.03
N LEU A 170 7.58 15.49 6.04
CA LEU A 170 7.76 14.76 4.79
C LEU A 170 6.40 14.50 4.11
N ARG A 171 5.41 14.07 4.89
CA ARG A 171 4.04 13.91 4.43
C ARG A 171 3.51 15.21 3.80
N GLU A 172 3.70 16.34 4.49
CA GLU A 172 3.26 17.65 3.99
C GLU A 172 3.89 17.98 2.63
N LYS A 173 5.16 17.62 2.49
CA LYS A 173 5.89 17.82 1.24
C LYS A 173 5.34 16.97 0.11
N VAL A 174 4.99 15.71 0.42
CA VAL A 174 4.34 14.85 -0.57
C VAL A 174 3.01 15.46 -1.05
N TYR A 175 2.12 15.80 -0.12
CA TYR A 175 0.81 16.30 -0.55
C TYR A 175 0.81 17.70 -1.15
N ALA A 176 1.81 18.51 -0.78
CA ALA A 176 2.05 19.77 -1.50
C ALA A 176 2.41 19.48 -2.95
N SER A 177 3.33 18.53 -3.17
CA SER A 177 3.75 18.15 -4.53
C SER A 177 2.64 17.48 -5.35
N LEU A 178 1.83 16.64 -4.68
CA LEU A 178 0.70 15.97 -5.34
C LEU A 178 -0.34 16.98 -5.82
N GLU A 179 -0.67 17.94 -4.97
CA GLU A 179 -1.65 18.95 -5.34
C GLU A 179 -1.17 19.80 -6.54
N ALA A 180 0.07 20.26 -6.47
CA ALA A 180 0.69 20.99 -7.60
C ALA A 180 0.60 20.20 -8.91
N TYR A 181 0.93 18.91 -8.84
CA TYR A 181 0.81 18.00 -9.98
C TYR A 181 -0.62 17.92 -10.51
N CYS A 182 -1.59 17.69 -9.61
CA CYS A 182 -3.00 17.62 -9.97
C CYS A 182 -3.54 18.89 -10.65
N LYS A 183 -3.15 20.04 -10.12
CA LYS A 183 -3.57 21.34 -10.68
C LYS A 183 -2.99 21.58 -12.07
N HIS A 184 -1.76 21.13 -12.30
CA HIS A 184 -1.09 21.30 -13.59
C HIS A 184 -1.58 20.28 -14.64
N LYS A 185 -1.75 19.03 -14.24
CA LYS A 185 -2.18 17.97 -15.16
C LYS A 185 -3.71 17.93 -15.38
N TYR A 186 -4.48 18.20 -14.33
CA TYR A 186 -5.93 18.12 -14.40
C TYR A 186 -6.58 19.41 -13.90
N PRO A 187 -6.28 20.56 -14.58
CA PRO A 187 -6.88 21.84 -14.12
C PRO A 187 -8.40 21.91 -14.27
N GLU A 188 -8.94 21.06 -15.13
CA GLU A 188 -10.39 20.98 -15.31
C GLU A 188 -11.11 20.29 -14.15
N GLN A 189 -10.34 19.66 -13.25
CA GLN A 189 -10.92 18.95 -12.11
C GLN A 189 -10.39 19.53 -10.79
N PRO A 190 -10.94 20.68 -10.35
CA PRO A 190 -10.39 21.29 -9.14
C PRO A 190 -10.57 20.44 -7.86
N GLY A 191 -11.52 19.51 -7.87
CA GLY A 191 -11.75 18.61 -6.72
C GLY A 191 -10.94 17.31 -6.71
N ARG A 192 -10.03 17.16 -7.68
CA ARG A 192 -9.31 15.90 -7.86
C ARG A 192 -8.37 15.55 -6.70
N PHE A 193 -7.61 16.54 -6.22
CA PHE A 193 -6.65 16.36 -5.14
C PHE A 193 -7.36 15.85 -3.87
N ALA A 194 -8.46 16.50 -3.51
CA ALA A 194 -9.26 16.08 -2.35
C ALA A 194 -9.86 14.68 -2.55
N LYS A 195 -10.32 14.40 -3.77
CA LYS A 195 -10.87 13.09 -4.11
C LYS A 195 -9.86 11.96 -3.94
N LEU A 196 -8.61 12.21 -4.36
CA LEU A 196 -7.51 11.27 -4.12
C LEU A 196 -7.29 11.01 -2.62
N LEU A 197 -7.17 12.10 -1.86
CA LEU A 197 -6.99 12.01 -0.41
C LEU A 197 -8.14 11.28 0.28
N LEU A 198 -9.35 11.45 -0.26
CA LEU A 198 -10.52 10.85 0.37
C LEU A 198 -10.75 9.36 0.09
N ARG A 199 -9.83 8.74 -0.63
CA ARG A 199 -9.76 7.27 -0.69
C ARG A 199 -8.98 6.68 0.51
N LEU A 200 -8.24 7.52 1.22
CA LEU A 200 -7.42 7.03 2.34
C LEU A 200 -8.19 6.43 3.55
N PRO A 201 -9.34 7.03 3.96
CA PRO A 201 -10.14 6.34 4.98
C PRO A 201 -10.60 4.95 4.56
N ALA A 202 -11.05 4.78 3.31
CA ALA A 202 -11.44 3.44 2.82
C ALA A 202 -10.25 2.49 2.86
N LEU A 203 -9.08 2.99 2.45
CA LEU A 203 -7.85 2.20 2.47
C LEU A 203 -7.46 1.75 3.88
N ARG A 204 -7.65 2.64 4.84
CA ARG A 204 -7.38 2.38 6.25
C ARG A 204 -8.29 1.29 6.80
N SER A 205 -9.58 1.44 6.54
CA SER A 205 -10.61 0.49 6.98
C SER A 205 -10.39 -0.90 6.36
N ILE A 206 -10.13 -0.94 5.06
CA ILE A 206 -9.91 -2.19 4.35
C ILE A 206 -8.62 -2.88 4.81
N GLY A 207 -7.56 -2.08 5.00
CA GLY A 207 -6.29 -2.62 5.54
C GLY A 207 -6.51 -3.31 6.88
N LEU A 208 -7.26 -2.65 7.76
CA LEU A 208 -7.58 -3.21 9.08
C LEU A 208 -8.37 -4.52 9.01
N LYS A 209 -9.40 -4.56 8.16
CA LYS A 209 -10.18 -5.79 7.96
C LYS A 209 -9.34 -6.93 7.37
N CYS A 210 -8.54 -6.61 6.37
CA CYS A 210 -7.65 -7.62 5.79
C CYS A 210 -6.75 -8.22 6.86
N LEU A 211 -6.17 -7.36 7.70
CA LEU A 211 -5.27 -7.78 8.78
C LEU A 211 -5.98 -8.72 9.75
N GLU A 212 -7.22 -8.39 10.11
CA GLU A 212 -8.05 -9.27 10.94
C GLU A 212 -8.15 -10.68 10.35
N HIS A 213 -8.41 -10.77 9.04
CA HIS A 213 -8.50 -12.06 8.35
C HIS A 213 -7.14 -12.78 8.45
N LEU A 214 -6.06 -12.04 8.20
CA LEU A 214 -4.71 -12.58 8.26
C LEU A 214 -4.40 -13.20 9.61
N PHE A 215 -4.74 -12.49 10.68
CA PHE A 215 -4.56 -13.01 12.03
C PHE A 215 -5.36 -14.29 12.27
N PHE A 216 -6.59 -14.31 11.75
CA PHE A 216 -7.39 -15.53 11.80
C PHE A 216 -6.77 -16.70 11.04
N PHE A 217 -6.30 -16.46 9.81
CA PHE A 217 -5.64 -17.51 9.02
C PHE A 217 -4.46 -18.10 9.80
N LYS A 218 -3.70 -17.21 10.44
CA LYS A 218 -2.57 -17.61 11.27
C LYS A 218 -3.05 -18.46 12.45
N LEU A 219 -4.13 -18.02 13.08
CA LEU A 219 -4.73 -18.73 14.22
C LEU A 219 -5.20 -20.16 13.89
N ILE A 220 -6.04 -20.32 12.86
CA ILE A 220 -6.56 -21.64 12.47
C ILE A 220 -5.44 -22.57 11.97
N GLY A 221 -4.50 -21.99 11.23
CA GLY A 221 -3.31 -22.73 10.82
C GLY A 221 -3.45 -23.55 9.55
N ASP A 222 -4.55 -23.34 8.82
CA ASP A 222 -4.82 -24.08 7.60
C ASP A 222 -4.31 -23.40 6.33
N THR A 223 -3.67 -22.25 6.51
CA THR A 223 -3.18 -21.43 5.40
C THR A 223 -1.69 -21.16 5.59
N PRO A 224 -0.85 -21.62 4.63
CA PRO A 224 0.58 -21.33 4.70
C PRO A 224 0.85 -19.83 4.66
N ILE A 225 1.70 -19.35 5.57
CA ILE A 225 2.12 -17.95 5.57
C ILE A 225 3.65 -17.96 5.61
N ASP A 226 4.28 -17.34 4.61
CA ASP A 226 5.74 -17.35 4.48
C ASP A 226 6.35 -16.32 5.42
N THR A 227 7.68 -16.25 5.44
CA THR A 227 8.42 -15.66 6.55
C THR A 227 8.25 -14.14 6.76
N PHE A 228 8.16 -13.38 5.68
CA PHE A 228 8.12 -11.92 5.81
C PHE A 228 6.70 -11.48 6.21
N LEU A 229 5.69 -12.10 5.59
CA LEU A 229 4.32 -11.87 6.00
C LEU A 229 4.11 -12.27 7.48
N MET A 230 4.62 -13.43 7.85
CA MET A 230 4.60 -13.88 9.24
C MET A 230 5.28 -12.86 10.18
N GLU A 231 6.46 -12.37 9.78
CA GLU A 231 7.18 -11.36 10.56
C GLU A 231 6.33 -10.10 10.80
N MET A 232 5.59 -9.68 9.78
CA MET A 232 4.73 -8.51 9.89
C MET A 232 3.55 -8.73 10.85
N LEU A 233 3.19 -9.99 11.05
CA LEU A 233 2.14 -10.37 11.99
C LEU A 233 2.63 -10.52 13.44
N GLU A 234 3.94 -10.39 13.66
CA GLU A 234 4.50 -10.34 15.02
C GLU A 234 4.04 -9.09 15.74
N ALA A 235 3.90 -9.20 17.07
CA ALA A 235 3.64 -8.04 17.91
C ALA A 235 4.87 -7.13 17.99
N PRO A 236 4.68 -5.86 18.40
CA PRO A 236 5.84 -5.00 18.61
C PRO A 236 6.36 -5.09 20.04
N HIS B 2 12.35 -8.13 14.49
CA HIS B 2 11.93 -7.95 13.06
C HIS B 2 13.14 -8.15 12.14
N LYS B 3 13.73 -9.34 12.16
CA LYS B 3 15.02 -9.53 11.50
C LYS B 3 15.07 -9.35 9.98
N ILE B 4 14.05 -9.84 9.25
CA ILE B 4 14.04 -9.69 7.79
C ILE B 4 13.98 -8.23 7.36
N LEU B 5 13.05 -7.47 7.93
CA LEU B 5 12.91 -6.05 7.60
C LEU B 5 14.22 -5.27 7.83
N HIS B 6 14.84 -5.45 8.99
CA HIS B 6 16.10 -4.75 9.31
C HIS B 6 17.17 -5.06 8.27
N ARG B 7 17.32 -6.35 7.95
CA ARG B 7 18.31 -6.81 6.96
C ARG B 7 18.11 -6.16 5.61
N LEU B 8 16.86 -6.07 5.17
CA LEU B 8 16.54 -5.54 3.86
C LEU B 8 16.78 -4.03 3.79
N LEU B 9 16.53 -3.33 4.90
CA LEU B 9 16.74 -1.89 4.99
C LEU B 9 18.22 -1.47 5.05
N GLN B 10 19.05 -2.33 5.63
CA GLN B 10 20.50 -2.13 5.70
C GLN B 10 21.02 -1.91 4.28
N ALA B 11 20.80 -2.93 3.44
CA ALA B 11 21.15 -2.94 2.00
C ALA B 11 21.21 -4.39 1.53
#